data_4HXI
#
_entry.id   4HXI
#
_cell.length_a   40.770
_cell.length_b   228.677
_cell.length_c   239.989
_cell.angle_alpha   90.00
_cell.angle_beta   90.00
_cell.angle_gamma   90.00
#
_symmetry.space_group_name_H-M   'C 2 2 21'
#
loop_
_entity.id
_entity.type
_entity.pdbx_description
1 polymer 'Kelch-like protein 3'
2 polymer Cullin-3
#
loop_
_entity_poly.entity_id
_entity_poly.type
_entity_poly.pdbx_seq_one_letter_code
_entity_poly.pdbx_strand_id
1 'polypeptide(L)'
;MHHHHHHSSGVDLGTENLYFQSNARTITVNPAHMGKAFKVMNELRSKQLLCDVMIVAEDVEIEAHRVVLAACSPYFCAMF
TGDMSESAAAAIEIKDVDGQTLSKLIDYIYTAEIEVTEENVQVLLPAASLLQLMDVRQNCCDFLQSQLHPTNCLGIRAFA
DVHTCTDLLQQANAYAEQHFPEVMLGEEFLSLSLDQVCSLISSDKLTVSSEEKVFEAVISWINYEKETRLEHMAKLMEHV
RLPLLPRDYLVQTVEEEALIKNNNTCKDFLIEAMKYH
;
A
2 'polypeptide(L)'
;GLNDIFEAQKIEWHEAMELVPRGSAFPMTMDEKYVNSIWDLLKNAIQEIQRKNNSGLSFEELYRNAYTMVLHKHGEKLYT
GLREVVTEHLINKVREDVLNSLNNNFLQTLNQAWNDHQTAMVMIRDILMYMDRVYVQQNNVENVYNLGLIIFRDQVVRYG
CIRDHLRQTLLDMIARERKGEVVDRGAIRNACQMLMILGLEGRSVYEEDFEAPFLEMSAEFFQMESQKFLAENSASVYIK
KVEARINEEIERVMHCLDKSTEEPIVKVVERELISKHMRTIVEMENSGLVHMLKNGKTEDLGCMYKLFSRVPNGLKTMCE
CMSSYLREQGKALVSEEGEGKNPVDYRQGLDDLKSRFDRFLLESFNNDRLFKQTIAGDFEYFLNLN
;
B
#
# COMPACT_ATOMS: atom_id res chain seq x y z
N HIS A 33 -0.12 -15.00 -28.84
CA HIS A 33 0.81 -15.97 -28.27
C HIS A 33 0.20 -16.79 -27.14
N MET A 34 -0.34 -16.10 -26.14
CA MET A 34 -0.95 -16.73 -24.98
C MET A 34 -2.22 -17.49 -25.35
N GLY A 35 -2.94 -16.97 -26.34
CA GLY A 35 -4.13 -17.63 -26.85
C GLY A 35 -3.83 -19.06 -27.30
N LYS A 36 -2.82 -19.21 -28.14
CA LYS A 36 -2.42 -20.53 -28.63
C LYS A 36 -1.88 -21.41 -27.50
N ALA A 37 -1.19 -20.79 -26.55
CA ALA A 37 -0.69 -21.50 -25.38
C ALA A 37 -1.84 -22.15 -24.60
N PHE A 38 -2.92 -21.41 -24.43
CA PHE A 38 -4.12 -21.94 -23.78
C PHE A 38 -4.78 -22.99 -24.66
N LYS A 39 -4.79 -22.74 -25.98
CA LYS A 39 -5.40 -23.66 -26.93
C LYS A 39 -4.75 -25.04 -26.87
N VAL A 40 -3.43 -25.07 -26.71
CA VAL A 40 -2.72 -26.34 -26.57
C VAL A 40 -2.82 -26.89 -25.14
N MET A 41 -2.89 -26.00 -24.15
CA MET A 41 -3.12 -26.42 -22.76
C MET A 41 -4.39 -27.24 -22.66
N ASN A 42 -5.42 -26.80 -23.38
CA ASN A 42 -6.69 -27.52 -23.45
C ASN A 42 -6.49 -28.94 -23.94
N GLU A 43 -5.76 -29.08 -25.05
CA GLU A 43 -5.45 -30.38 -25.65
C GLU A 43 -4.73 -31.26 -24.64
N LEU A 44 -3.72 -30.70 -23.98
CA LEU A 44 -2.95 -31.43 -22.99
C LEU A 44 -3.83 -31.92 -21.84
N ARG A 45 -4.81 -31.11 -21.45
CA ARG A 45 -5.76 -31.55 -20.43
C ARG A 45 -6.62 -32.70 -20.94
N SER A 46 -7.16 -32.56 -22.15
CA SER A 46 -8.03 -33.58 -22.72
C SER A 46 -7.27 -34.86 -23.06
N LYS A 47 -5.97 -34.73 -23.33
CA LYS A 47 -5.12 -35.89 -23.51
C LYS A 47 -4.58 -36.38 -22.17
N GLN A 48 -5.00 -35.69 -21.11
CA GLN A 48 -4.62 -36.01 -19.74
C GLN A 48 -3.11 -36.09 -19.56
N LEU A 49 -2.42 -35.05 -20.02
CA LEU A 49 -0.97 -34.95 -19.88
C LEU A 49 -0.61 -33.87 -18.86
N LEU A 50 0.35 -34.17 -18.00
CA LEU A 50 0.83 -33.23 -16.99
C LEU A 50 -0.26 -32.73 -16.05
N CYS A 51 -1.28 -33.57 -15.80
CA CYS A 51 -2.37 -33.18 -14.90
C CYS A 51 -2.04 -33.55 -13.47
N ASP A 52 -1.86 -32.54 -12.63
CA ASP A 52 -1.42 -32.73 -11.25
C ASP A 52 -2.54 -32.75 -10.21
N VAL A 53 -3.77 -32.54 -10.64
CA VAL A 53 -4.91 -32.58 -9.72
C VAL A 53 -6.21 -33.06 -10.38
N MET A 54 -7.02 -33.81 -9.64
CA MET A 54 -8.37 -34.14 -10.07
C MET A 54 -9.36 -33.47 -9.14
N ILE A 55 -10.27 -32.70 -9.71
CA ILE A 55 -11.34 -32.08 -8.91
C ILE A 55 -12.67 -32.74 -9.22
N VAL A 56 -13.39 -33.15 -8.17
CA VAL A 56 -14.66 -33.83 -8.33
C VAL A 56 -15.81 -33.06 -7.67
N ALA A 57 -16.98 -33.06 -8.32
CA ALA A 57 -18.14 -32.36 -7.79
C ALA A 57 -19.17 -33.34 -7.24
N GLU A 58 -19.90 -33.99 -8.14
CA GLU A 58 -20.79 -35.08 -7.74
C GLU A 58 -20.63 -36.29 -8.65
N ASP A 59 -21.06 -36.15 -9.90
CA ASP A 59 -20.93 -37.21 -10.89
C ASP A 59 -19.53 -37.20 -11.51
N VAL A 60 -19.02 -35.99 -11.74
CA VAL A 60 -17.87 -35.80 -12.62
C VAL A 60 -16.50 -35.77 -11.93
N GLU A 61 -15.50 -36.29 -12.63
CA GLU A 61 -14.11 -36.20 -12.20
C GLU A 61 -13.31 -35.48 -13.27
N ILE A 62 -12.82 -34.29 -12.93
CA ILE A 62 -12.14 -33.44 -13.91
C ILE A 62 -10.64 -33.33 -13.62
N GLU A 63 -9.83 -33.89 -14.50
CA GLU A 63 -8.38 -33.71 -14.42
C GLU A 63 -8.00 -32.35 -14.99
N ALA A 64 -7.02 -31.70 -14.37
CA ALA A 64 -6.56 -30.39 -14.82
C ALA A 64 -5.15 -30.09 -14.36
N HIS A 65 -4.64 -28.93 -14.75
CA HIS A 65 -3.33 -28.48 -14.31
C HIS A 65 -3.49 -27.48 -13.17
N ARG A 66 -2.80 -27.73 -12.06
CA ARG A 66 -2.91 -26.90 -10.86
C ARG A 66 -2.62 -25.43 -11.14
N VAL A 67 -1.59 -25.17 -11.96
CA VAL A 67 -1.14 -23.82 -12.21
C VAL A 67 -2.10 -23.01 -13.09
N VAL A 68 -2.85 -23.69 -13.96
CA VAL A 68 -3.83 -23.02 -14.81
C VAL A 68 -5.05 -22.59 -13.99
N LEU A 69 -5.52 -23.50 -13.15
CA LEU A 69 -6.61 -23.19 -12.22
C LEU A 69 -6.19 -22.09 -11.26
N ALA A 70 -4.96 -22.19 -10.77
CA ALA A 70 -4.41 -21.19 -9.85
C ALA A 70 -4.26 -19.84 -10.53
N ALA A 71 -4.02 -19.86 -11.83
CA ALA A 71 -3.82 -18.64 -12.60
C ALA A 71 -5.15 -17.95 -12.90
N CYS A 72 -6.15 -18.75 -13.26
CA CYS A 72 -7.44 -18.19 -13.67
C CYS A 72 -8.37 -17.87 -12.50
N SER A 73 -8.09 -18.41 -11.33
CA SER A 73 -8.94 -18.17 -10.16
C SER A 73 -8.15 -17.94 -8.89
N PRO A 74 -8.60 -16.99 -8.06
CA PRO A 74 -8.07 -16.75 -6.71
C PRO A 74 -8.45 -17.85 -5.73
N TYR A 75 -9.58 -18.51 -5.95
CA TYR A 75 -10.02 -19.59 -5.09
C TYR A 75 -9.06 -20.78 -5.19
N PHE A 76 -8.87 -21.24 -6.42
CA PHE A 76 -7.95 -22.35 -6.68
C PHE A 76 -6.51 -21.95 -6.34
N CYS A 77 -6.16 -20.69 -6.59
CA CYS A 77 -4.81 -20.20 -6.29
C CYS A 77 -4.53 -20.27 -4.80
N ALA A 78 -5.49 -19.81 -4.00
CA ALA A 78 -5.34 -19.85 -2.55
C ALA A 78 -5.40 -21.28 -2.04
N MET A 79 -6.07 -22.14 -2.79
CA MET A 79 -6.19 -23.55 -2.38
C MET A 79 -4.91 -24.35 -2.60
N PHE A 80 -4.32 -24.18 -3.79
CA PHE A 80 -3.13 -24.94 -4.19
C PHE A 80 -1.81 -24.38 -3.65
N THR A 81 -1.73 -23.06 -3.50
CA THR A 81 -0.54 -22.41 -2.96
C THR A 81 -0.62 -22.20 -1.44
N GLY A 82 -1.74 -22.62 -0.86
CA GLY A 82 -1.98 -22.44 0.56
C GLY A 82 -1.23 -23.42 1.45
N ASP A 83 -1.19 -23.12 2.74
CA ASP A 83 -0.53 -23.98 3.72
C ASP A 83 -1.50 -25.00 4.31
N MET A 84 -2.70 -25.05 3.73
CA MET A 84 -3.80 -25.89 4.20
C MET A 84 -3.87 -27.20 3.42
N SER A 85 -4.39 -28.24 4.08
CA SER A 85 -4.28 -29.63 3.64
C SER A 85 -4.52 -29.90 2.16
N GLU A 86 -5.48 -29.16 1.57
CA GLU A 86 -5.80 -29.29 0.15
C GLU A 86 -4.59 -29.30 -0.77
N SER A 87 -3.61 -28.44 -0.47
CA SER A 87 -2.42 -28.30 -1.31
C SER A 87 -1.59 -29.58 -1.35
N ALA A 88 -1.68 -30.39 -0.30
CA ALA A 88 -0.95 -31.65 -0.24
C ALA A 88 -1.77 -32.80 -0.79
N ALA A 89 -2.97 -32.49 -1.28
CA ALA A 89 -3.88 -33.52 -1.80
C ALA A 89 -3.86 -33.56 -3.32
N ALA A 90 -3.61 -34.74 -3.86
CA ALA A 90 -3.58 -34.94 -5.31
C ALA A 90 -5.00 -34.97 -5.89
N ALA A 91 -5.94 -35.41 -5.06
CA ALA A 91 -7.35 -35.43 -5.43
C ALA A 91 -8.11 -34.58 -4.42
N ILE A 92 -9.33 -34.21 -4.76
CA ILE A 92 -10.06 -33.23 -3.95
C ILE A 92 -11.49 -33.07 -4.47
N GLU A 93 -12.35 -32.52 -3.62
CA GLU A 93 -13.77 -32.38 -3.94
C GLU A 93 -14.28 -31.02 -3.51
N ILE A 94 -15.04 -30.38 -4.39
CA ILE A 94 -15.75 -29.15 -4.02
C ILE A 94 -17.26 -29.37 -4.14
N LYS A 95 -18.01 -28.81 -3.20
CA LYS A 95 -19.45 -29.00 -3.17
C LYS A 95 -20.21 -27.68 -3.31
N ASP A 96 -21.54 -27.75 -3.24
CA ASP A 96 -22.43 -26.64 -3.57
C ASP A 96 -22.24 -26.19 -5.02
N VAL A 97 -21.69 -27.08 -5.83
CA VAL A 97 -21.59 -26.91 -7.27
C VAL A 97 -21.90 -28.24 -7.94
N ASP A 98 -22.89 -28.26 -8.83
CA ASP A 98 -23.23 -29.47 -9.55
C ASP A 98 -22.12 -29.81 -10.54
N GLY A 99 -22.05 -31.09 -10.93
CA GLY A 99 -20.98 -31.58 -11.78
C GLY A 99 -20.87 -30.89 -13.13
N GLN A 100 -21.98 -30.87 -13.86
CA GLN A 100 -22.01 -30.25 -15.18
C GLN A 100 -21.54 -28.80 -15.15
N THR A 101 -22.01 -28.05 -14.15
CA THR A 101 -21.60 -26.67 -13.98
C THR A 101 -20.08 -26.55 -13.79
N LEU A 102 -19.53 -27.38 -12.91
CA LEU A 102 -18.09 -27.38 -12.66
C LEU A 102 -17.29 -27.66 -13.93
N SER A 103 -17.72 -28.68 -14.68
CA SER A 103 -17.12 -28.97 -15.97
C SER A 103 -17.15 -27.75 -16.89
N LYS A 104 -18.34 -27.14 -17.00
CA LYS A 104 -18.51 -25.93 -17.82
C LYS A 104 -17.53 -24.82 -17.44
N LEU A 105 -17.30 -24.66 -16.13
CA LEU A 105 -16.45 -23.57 -15.65
C LEU A 105 -14.96 -23.84 -15.79
N ILE A 106 -14.55 -25.10 -15.63
CA ILE A 106 -13.16 -25.45 -15.91
C ILE A 106 -12.90 -25.24 -17.40
N ASP A 107 -13.87 -25.67 -18.21
CA ASP A 107 -13.85 -25.42 -19.64
C ASP A 107 -13.77 -23.93 -19.95
N TYR A 108 -14.41 -23.10 -19.12
CA TYR A 108 -14.29 -21.66 -19.28
C TYR A 108 -12.88 -21.21 -18.99
N ILE A 109 -12.34 -21.66 -17.86
CA ILE A 109 -10.97 -21.37 -17.45
C ILE A 109 -9.97 -21.64 -18.57
N TYR A 110 -10.19 -22.73 -19.29
CA TYR A 110 -9.31 -23.08 -20.42
C TYR A 110 -9.62 -22.31 -21.72
N THR A 111 -10.90 -22.14 -22.05
CA THR A 111 -11.29 -21.54 -23.33
C THR A 111 -11.53 -20.03 -23.32
N ALA A 112 -11.55 -19.43 -22.13
CA ALA A 112 -11.73 -17.98 -21.95
C ALA A 112 -13.13 -17.41 -22.29
N GLU A 113 -14.00 -18.20 -22.91
CA GLU A 113 -15.36 -17.76 -23.18
C GLU A 113 -16.41 -18.80 -22.76
N ILE A 114 -17.67 -18.38 -22.66
CA ILE A 114 -18.69 -19.19 -22.01
C ILE A 114 -20.09 -18.95 -22.58
N GLU A 115 -20.99 -19.92 -22.43
CA GLU A 115 -22.39 -19.79 -22.84
C GLU A 115 -23.31 -19.62 -21.65
N VAL A 116 -24.19 -18.61 -21.72
CA VAL A 116 -25.08 -18.30 -20.60
C VAL A 116 -26.53 -18.09 -21.06
N THR A 117 -27.45 -18.87 -20.51
CA THR A 117 -28.87 -18.75 -20.83
C THR A 117 -29.74 -18.81 -19.58
N GLU A 118 -31.05 -18.64 -19.75
CA GLU A 118 -31.97 -18.49 -18.61
C GLU A 118 -32.08 -19.74 -17.74
N GLU A 119 -31.87 -20.91 -18.34
CA GLU A 119 -31.87 -22.15 -17.58
C GLU A 119 -30.69 -22.17 -16.62
N ASN A 120 -29.49 -22.01 -17.15
CA ASN A 120 -28.26 -22.13 -16.37
C ASN A 120 -27.84 -20.89 -15.57
N VAL A 121 -28.24 -19.70 -16.01
CA VAL A 121 -27.74 -18.44 -15.45
C VAL A 121 -27.80 -18.37 -13.93
N GLN A 122 -28.89 -18.85 -13.35
CA GLN A 122 -29.10 -18.77 -11.91
C GLN A 122 -28.39 -19.87 -11.13
N VAL A 123 -27.98 -20.94 -11.81
CA VAL A 123 -27.07 -21.88 -11.17
C VAL A 123 -25.63 -21.53 -11.54
N LEU A 124 -25.48 -20.66 -12.54
CA LEU A 124 -24.17 -20.23 -13.02
C LEU A 124 -23.54 -19.15 -12.15
N LEU A 125 -24.32 -18.12 -11.83
CA LEU A 125 -23.81 -16.98 -11.05
C LEU A 125 -23.31 -17.33 -9.65
N PRO A 126 -24.10 -18.07 -8.85
CA PRO A 126 -23.59 -18.40 -7.51
C PRO A 126 -22.39 -19.35 -7.56
N ALA A 127 -22.40 -20.27 -8.51
CA ALA A 127 -21.33 -21.26 -8.60
C ALA A 127 -20.00 -20.64 -9.04
N ALA A 128 -20.06 -19.66 -9.94
CA ALA A 128 -18.87 -18.97 -10.41
C ALA A 128 -18.34 -18.03 -9.34
N SER A 129 -19.25 -17.41 -8.60
CA SER A 129 -18.90 -16.49 -7.53
C SER A 129 -18.17 -17.24 -6.41
N LEU A 130 -18.48 -18.52 -6.28
CA LEU A 130 -17.84 -19.37 -5.28
C LEU A 130 -16.37 -19.62 -5.63
N LEU A 131 -16.12 -19.93 -6.90
CA LEU A 131 -14.77 -20.25 -7.35
C LEU A 131 -14.01 -18.97 -7.68
N GLN A 132 -14.64 -17.83 -7.44
CA GLN A 132 -14.02 -16.52 -7.61
C GLN A 132 -13.62 -16.22 -9.05
N LEU A 133 -14.49 -16.57 -10.00
CA LEU A 133 -14.31 -16.12 -11.37
C LEU A 133 -15.29 -14.97 -11.52
N MET A 134 -14.77 -13.75 -11.51
CA MET A 134 -15.62 -12.56 -11.44
C MET A 134 -16.19 -12.11 -12.78
N ASP A 135 -15.45 -12.33 -13.86
CA ASP A 135 -15.91 -11.97 -15.20
C ASP A 135 -17.19 -12.72 -15.56
N VAL A 136 -17.29 -13.97 -15.11
CA VAL A 136 -18.47 -14.79 -15.34
C VAL A 136 -19.66 -14.28 -14.51
N ARG A 137 -19.37 -13.92 -13.27
CA ARG A 137 -20.37 -13.31 -12.39
C ARG A 137 -20.95 -12.06 -13.04
N GLN A 138 -20.07 -11.26 -13.64
CA GLN A 138 -20.47 -10.06 -14.37
C GLN A 138 -21.30 -10.41 -15.60
N ASN A 139 -20.87 -11.44 -16.33
CA ASN A 139 -21.64 -11.96 -17.46
C ASN A 139 -23.08 -12.24 -17.06
N CYS A 140 -23.25 -13.16 -16.11
CA CYS A 140 -24.57 -13.54 -15.62
C CYS A 140 -25.38 -12.35 -15.11
N CYS A 141 -24.72 -11.40 -14.47
CA CYS A 141 -25.40 -10.18 -14.02
C CYS A 141 -25.96 -9.37 -15.19
N ASP A 142 -25.12 -9.13 -16.19
CA ASP A 142 -25.53 -8.41 -17.39
C ASP A 142 -26.69 -9.13 -18.09
N PHE A 143 -26.59 -10.45 -18.16
CA PHE A 143 -27.63 -11.27 -18.79
C PHE A 143 -28.94 -11.16 -18.02
N LEU A 144 -28.85 -11.09 -16.70
CA LEU A 144 -30.03 -10.92 -15.86
C LEU A 144 -30.68 -9.57 -16.12
N GLN A 145 -29.89 -8.50 -16.09
CA GLN A 145 -30.41 -7.15 -16.30
C GLN A 145 -31.03 -6.99 -17.69
N SER A 146 -30.43 -7.62 -18.69
CA SER A 146 -30.87 -7.50 -20.07
C SER A 146 -32.32 -7.95 -20.27
N GLN A 147 -32.69 -9.02 -19.57
CA GLN A 147 -33.99 -9.65 -19.77
C GLN A 147 -35.09 -9.09 -18.88
N LEU A 148 -34.78 -8.04 -18.14
CA LEU A 148 -35.74 -7.47 -17.18
C LEU A 148 -37.10 -7.15 -17.82
N HIS A 149 -38.15 -7.68 -17.19
CA HIS A 149 -39.51 -7.55 -17.67
C HIS A 149 -40.38 -7.19 -16.48
N PRO A 150 -41.57 -6.61 -16.73
CA PRO A 150 -42.48 -6.25 -15.62
C PRO A 150 -42.72 -7.44 -14.69
N THR A 151 -42.83 -8.62 -15.28
CA THR A 151 -42.93 -9.84 -14.48
C THR A 151 -41.57 -10.31 -13.96
N ASN A 152 -40.49 -10.04 -14.70
CA ASN A 152 -39.20 -10.67 -14.40
C ASN A 152 -38.73 -10.44 -12.97
N CYS A 153 -38.26 -9.24 -12.64
CA CYS A 153 -38.17 -8.78 -11.25
C CYS A 153 -37.71 -9.88 -10.30
N LEU A 154 -38.54 -10.18 -9.30
CA LEU A 154 -38.48 -11.46 -8.59
C LEU A 154 -37.07 -11.85 -8.19
N GLY A 155 -36.66 -13.03 -8.65
CA GLY A 155 -35.34 -13.56 -8.40
C GLY A 155 -34.26 -12.54 -8.68
N ILE A 156 -34.38 -11.81 -9.79
CA ILE A 156 -33.39 -10.81 -10.15
C ILE A 156 -33.09 -9.83 -9.02
N ARG A 157 -34.12 -9.42 -8.28
CA ARG A 157 -33.90 -8.55 -7.12
C ARG A 157 -33.50 -9.37 -5.88
N ALA A 158 -34.06 -10.57 -5.77
CA ALA A 158 -33.72 -11.47 -4.67
C ALA A 158 -32.31 -12.03 -4.83
N PHE A 159 -32.03 -12.60 -6.01
CA PHE A 159 -30.74 -13.20 -6.33
C PHE A 159 -29.64 -12.23 -5.98
N ALA A 160 -29.74 -11.04 -6.58
CA ALA A 160 -28.78 -9.98 -6.33
C ALA A 160 -28.62 -9.79 -4.84
N ASP A 161 -29.74 -9.58 -4.16
CA ASP A 161 -29.73 -9.32 -2.73
C ASP A 161 -29.00 -10.41 -1.96
N VAL A 162 -29.22 -11.68 -2.35
CA VAL A 162 -28.54 -12.78 -1.68
C VAL A 162 -27.12 -12.96 -2.22
N HIS A 163 -26.93 -12.67 -3.50
CA HIS A 163 -25.64 -12.90 -4.14
C HIS A 163 -24.79 -11.64 -4.17
N THR A 164 -25.30 -10.61 -3.50
CA THR A 164 -24.55 -9.40 -3.23
C THR A 164 -24.07 -8.71 -4.50
N CYS A 165 -24.86 -8.82 -5.56
CA CYS A 165 -24.60 -8.05 -6.76
C CYS A 165 -25.43 -6.78 -6.60
N THR A 166 -24.74 -5.69 -6.31
CA THR A 166 -25.40 -4.46 -5.88
C THR A 166 -25.94 -3.64 -7.04
N ASP A 167 -25.15 -3.58 -8.11
CA ASP A 167 -25.57 -2.91 -9.34
C ASP A 167 -26.90 -3.48 -9.81
N LEU A 168 -27.10 -4.78 -9.59
CA LEU A 168 -28.33 -5.45 -9.99
C LEU A 168 -29.49 -5.05 -9.09
N LEU A 169 -29.23 -4.90 -7.79
CA LEU A 169 -30.24 -4.42 -6.86
C LEU A 169 -30.72 -3.04 -7.27
N GLN A 170 -29.76 -2.13 -7.47
CA GLN A 170 -30.04 -0.77 -7.89
C GLN A 170 -30.82 -0.73 -9.21
N GLN A 171 -30.36 -1.50 -10.18
CA GLN A 171 -31.02 -1.60 -11.49
C GLN A 171 -32.44 -2.12 -11.38
N ALA A 172 -32.66 -3.09 -10.51
CA ALA A 172 -33.96 -3.74 -10.36
C ALA A 172 -34.97 -2.85 -9.63
N ASN A 173 -34.53 -2.19 -8.57
CA ASN A 173 -35.41 -1.29 -7.82
C ASN A 173 -35.68 0.01 -8.55
N ALA A 174 -34.70 0.48 -9.32
CA ALA A 174 -34.92 1.60 -10.23
C ALA A 174 -35.87 1.18 -11.33
N TYR A 175 -36.02 -0.13 -11.50
CA TYR A 175 -36.94 -0.69 -12.48
C TYR A 175 -38.33 -0.89 -11.90
N ALA A 176 -38.53 -0.57 -10.63
CA ALA A 176 -39.85 -0.76 -10.06
C ALA A 176 -40.66 0.52 -10.27
N GLU A 177 -41.60 0.44 -11.20
CA GLU A 177 -42.48 1.55 -11.50
C GLU A 177 -43.91 1.05 -11.72
N GLN A 178 -44.83 1.49 -10.86
CA GLN A 178 -46.28 1.36 -11.12
C GLN A 178 -46.68 -0.02 -11.65
N HIS A 179 -46.26 -1.06 -10.96
CA HIS A 179 -46.51 -2.44 -11.40
C HIS A 179 -47.97 -2.82 -11.21
N PHE A 180 -48.52 -2.41 -10.07
CA PHE A 180 -49.89 -2.69 -9.62
C PHE A 180 -50.50 -4.09 -9.86
N PRO A 181 -49.70 -5.17 -9.68
CA PRO A 181 -50.38 -6.46 -9.75
C PRO A 181 -50.93 -6.90 -8.40
N GLU A 182 -51.96 -7.73 -8.40
CA GLU A 182 -52.16 -8.62 -7.28
C GLU A 182 -51.31 -9.87 -7.49
N VAL A 183 -51.20 -10.27 -8.76
CA VAL A 183 -50.53 -11.51 -9.14
C VAL A 183 -49.00 -11.53 -9.08
N MET A 184 -48.36 -10.55 -9.74
CA MET A 184 -46.90 -10.53 -9.81
C MET A 184 -46.26 -9.64 -8.76
N LEU A 185 -47.11 -8.96 -7.98
CA LEU A 185 -46.68 -8.34 -6.73
C LEU A 185 -46.64 -9.51 -5.78
N GLY A 186 -47.49 -10.49 -6.07
CA GLY A 186 -47.39 -11.80 -5.47
C GLY A 186 -45.99 -12.31 -5.68
N GLU A 187 -45.52 -12.27 -6.94
CA GLU A 187 -44.14 -12.65 -7.22
C GLU A 187 -43.17 -11.81 -6.41
N GLU A 188 -43.43 -10.51 -6.30
CA GLU A 188 -42.57 -9.62 -5.55
C GLU A 188 -42.35 -10.07 -4.10
N PHE A 189 -43.44 -10.23 -3.35
CA PHE A 189 -43.29 -10.63 -1.94
C PHE A 189 -42.87 -12.10 -1.77
N LEU A 190 -43.35 -12.97 -2.65
CA LEU A 190 -43.19 -14.41 -2.48
C LEU A 190 -41.74 -14.90 -2.37
N SER A 191 -40.85 -14.40 -3.23
CA SER A 191 -39.45 -14.83 -3.21
C SER A 191 -38.51 -13.92 -2.44
N LEU A 192 -39.03 -12.83 -1.89
CA LEU A 192 -38.23 -11.91 -1.08
C LEU A 192 -38.17 -12.38 0.38
N SER A 193 -38.84 -13.50 0.64
CA SER A 193 -38.86 -14.16 1.95
C SER A 193 -39.34 -13.28 3.10
N LEU A 194 -38.71 -13.46 4.27
CA LEU A 194 -39.15 -12.80 5.50
C LEU A 194 -38.64 -11.37 5.71
N ASP A 195 -37.38 -11.12 5.36
CA ASP A 195 -36.76 -9.81 5.57
C ASP A 195 -37.51 -8.70 4.81
N GLN A 196 -38.21 -9.12 3.77
CA GLN A 196 -39.01 -8.17 3.01
C GLN A 196 -40.27 -7.76 3.75
N VAL A 197 -40.71 -8.55 4.72
CA VAL A 197 -41.85 -8.10 5.51
C VAL A 197 -41.46 -6.80 6.19
N CYS A 198 -40.18 -6.71 6.57
CA CYS A 198 -39.59 -5.42 6.96
C CYS A 198 -39.50 -4.44 5.79
N SER A 199 -38.75 -4.82 4.74
CA SER A 199 -38.39 -3.82 3.71
C SER A 199 -39.50 -3.37 2.73
N LEU A 200 -40.64 -4.05 2.78
CA LEU A 200 -41.82 -3.73 1.97
C LEU A 200 -42.32 -2.32 2.26
N ILE A 201 -42.78 -2.12 3.48
CA ILE A 201 -43.22 -0.80 3.93
C ILE A 201 -42.08 -0.02 4.60
N SER A 202 -40.93 -0.68 4.85
CA SER A 202 -39.77 0.07 5.30
C SER A 202 -39.35 1.04 4.20
N SER A 203 -39.57 0.61 2.96
CA SER A 203 -39.40 1.50 1.81
C SER A 203 -40.54 2.51 1.80
N ASP A 204 -40.19 3.78 1.83
CA ASP A 204 -41.20 4.84 1.87
C ASP A 204 -41.61 5.28 0.48
N LYS A 205 -40.98 4.68 -0.52
CA LYS A 205 -41.16 5.09 -1.90
C LYS A 205 -42.47 4.57 -2.47
N LEU A 206 -43.03 3.56 -1.82
CA LEU A 206 -44.22 2.89 -2.35
C LEU A 206 -45.48 3.75 -2.32
N THR A 207 -46.07 3.93 -3.49
CA THR A 207 -47.33 4.65 -3.65
C THR A 207 -48.21 3.81 -4.56
N VAL A 208 -49.38 3.41 -4.07
CA VAL A 208 -50.18 2.40 -4.76
C VAL A 208 -51.53 2.91 -5.25
N SER A 209 -51.94 2.40 -6.41
CA SER A 209 -53.25 2.73 -6.98
C SER A 209 -54.38 2.15 -6.14
N SER A 210 -54.15 0.99 -5.54
CA SER A 210 -55.13 0.37 -4.64
C SER A 210 -54.48 0.05 -3.29
N GLU A 211 -55.03 0.63 -2.22
CA GLU A 211 -54.39 0.62 -0.91
C GLU A 211 -54.59 -0.68 -0.12
N GLU A 212 -55.31 -1.62 -0.72
CA GLU A 212 -55.67 -2.88 -0.06
C GLU A 212 -54.46 -3.75 0.35
N LYS A 213 -53.32 -3.55 -0.31
CA LYS A 213 -52.19 -4.48 -0.26
C LYS A 213 -51.73 -4.89 1.14
N VAL A 214 -52.00 -4.06 2.14
CA VAL A 214 -51.56 -4.34 3.51
C VAL A 214 -52.35 -5.47 4.17
N PHE A 215 -53.66 -5.54 3.92
CA PHE A 215 -54.48 -6.54 4.60
C PHE A 215 -54.68 -7.89 3.88
N GLU A 216 -55.32 -7.84 2.71
CA GLU A 216 -55.66 -9.05 1.96
C GLU A 216 -54.48 -9.99 1.82
N ALA A 217 -53.30 -9.40 1.69
CA ALA A 217 -52.06 -10.14 1.60
C ALA A 217 -51.79 -10.95 2.87
N VAL A 218 -51.73 -10.25 4.01
CA VAL A 218 -51.27 -10.85 5.26
C VAL A 218 -51.99 -12.15 5.63
N ILE A 219 -53.32 -12.15 5.70
CA ILE A 219 -54.06 -13.35 6.02
C ILE A 219 -53.77 -14.46 5.00
N SER A 220 -53.72 -14.08 3.73
CA SER A 220 -53.37 -15.04 2.68
C SER A 220 -51.93 -15.49 2.90
N TRP A 221 -51.07 -14.54 3.21
CA TRP A 221 -49.69 -14.84 3.55
C TRP A 221 -49.65 -15.72 4.81
N ILE A 222 -50.61 -15.49 5.70
CA ILE A 222 -50.75 -16.30 6.90
C ILE A 222 -51.49 -17.61 6.58
N ASN A 223 -52.32 -17.58 5.55
CA ASN A 223 -53.00 -18.79 5.08
C ASN A 223 -51.97 -19.78 4.59
N TYR A 224 -51.01 -19.28 3.82
CA TYR A 224 -49.93 -20.10 3.30
C TYR A 224 -48.72 -20.06 4.22
N ASP B 31 -30.52 -18.46 9.35
CA ASP B 31 -31.40 -18.56 10.52
C ASP B 31 -30.70 -18.04 11.77
N GLU B 32 -31.37 -18.15 12.91
CA GLU B 32 -30.79 -17.74 14.17
C GLU B 32 -29.56 -18.56 14.53
N LYS B 33 -29.73 -19.88 14.59
CA LYS B 33 -28.69 -20.76 15.11
C LYS B 33 -27.73 -21.33 14.04
N TYR B 34 -28.08 -21.18 12.77
CA TYR B 34 -27.25 -21.72 11.70
C TYR B 34 -25.92 -20.97 11.61
N VAL B 35 -26.00 -19.65 11.50
CA VAL B 35 -24.84 -18.79 11.37
C VAL B 35 -23.90 -18.87 12.58
N ASN B 36 -24.47 -19.09 13.77
CA ASN B 36 -23.64 -19.28 14.96
C ASN B 36 -22.85 -20.58 14.93
N SER B 37 -23.54 -21.65 14.51
CA SER B 37 -22.91 -22.97 14.39
C SER B 37 -21.79 -22.95 13.36
N ILE B 38 -21.98 -22.16 12.30
CA ILE B 38 -20.91 -21.96 11.32
C ILE B 38 -19.78 -21.11 11.93
N TRP B 39 -20.17 -20.10 12.69
CA TRP B 39 -19.23 -19.14 13.25
C TRP B 39 -18.25 -19.74 14.25
N ASP B 40 -18.73 -20.61 15.14
CA ASP B 40 -17.83 -21.23 16.10
C ASP B 40 -16.74 -22.02 15.38
N LEU B 41 -17.14 -22.68 14.30
CA LEU B 41 -16.19 -23.36 13.43
C LEU B 41 -15.17 -22.38 12.87
N LEU B 42 -15.65 -21.31 12.25
CA LEU B 42 -14.75 -20.30 11.68
C LEU B 42 -13.77 -19.69 12.70
N LYS B 43 -14.26 -19.43 13.91
CA LYS B 43 -13.46 -18.89 15.00
C LYS B 43 -12.37 -19.87 15.40
N ASN B 44 -12.77 -21.12 15.65
CA ASN B 44 -11.82 -22.18 15.98
C ASN B 44 -10.74 -22.27 14.90
N ALA B 45 -11.16 -22.15 13.65
CA ALA B 45 -10.25 -22.19 12.52
C ALA B 45 -9.25 -21.03 12.52
N ILE B 46 -9.74 -19.83 12.77
CA ILE B 46 -8.91 -18.63 12.79
C ILE B 46 -7.86 -18.70 13.90
N GLN B 47 -8.33 -18.97 15.12
CA GLN B 47 -7.44 -19.14 16.26
C GLN B 47 -6.43 -20.25 16.00
N GLU B 48 -6.87 -21.28 15.28
CA GLU B 48 -6.01 -22.38 14.88
C GLU B 48 -4.90 -21.86 13.96
N ILE B 49 -5.27 -21.04 12.98
CA ILE B 49 -4.31 -20.44 12.07
C ILE B 49 -3.30 -19.56 12.82
N GLN B 50 -3.76 -18.92 13.89
CA GLN B 50 -2.88 -18.08 14.69
C GLN B 50 -1.91 -18.89 15.57
N ARG B 51 -2.17 -20.19 15.68
CA ARG B 51 -1.28 -21.09 16.44
C ARG B 51 -0.28 -21.82 15.54
N LYS B 52 -0.32 -21.52 14.24
CA LYS B 52 0.55 -22.13 13.23
C LYS B 52 0.39 -23.65 13.05
N ASN B 53 -0.76 -24.18 13.48
CA ASN B 53 -1.10 -25.58 13.18
C ASN B 53 -2.00 -25.71 11.94
N ASN B 54 -2.13 -24.60 11.23
CA ASN B 54 -3.05 -24.46 10.09
C ASN B 54 -3.10 -25.64 9.12
N SER B 55 -1.95 -26.25 8.86
CA SER B 55 -1.91 -27.47 8.06
C SER B 55 -2.77 -28.56 8.71
N GLY B 56 -3.71 -29.10 7.94
CA GLY B 56 -4.69 -30.03 8.50
C GLY B 56 -6.07 -29.42 8.57
N LEU B 57 -6.15 -28.12 8.33
CA LEU B 57 -7.43 -27.44 8.16
C LEU B 57 -7.83 -27.54 6.70
N SER B 58 -9.08 -27.90 6.44
CA SER B 58 -9.56 -27.99 5.07
C SER B 58 -9.88 -26.58 4.57
N PHE B 59 -9.21 -26.15 3.51
CA PHE B 59 -9.46 -24.83 2.95
C PHE B 59 -10.87 -24.74 2.38
N GLU B 60 -11.22 -25.71 1.54
CA GLU B 60 -12.52 -25.74 0.87
C GLU B 60 -13.67 -25.58 1.86
N GLU B 61 -13.56 -26.29 2.99
CA GLU B 61 -14.59 -26.25 4.02
C GLU B 61 -14.73 -24.86 4.64
N LEU B 62 -13.61 -24.29 5.06
CA LEU B 62 -13.59 -22.98 5.70
C LEU B 62 -14.11 -21.90 4.77
N TYR B 63 -13.54 -21.84 3.56
CA TYR B 63 -13.98 -20.89 2.55
C TYR B 63 -15.47 -21.05 2.25
N ARG B 64 -15.94 -22.29 2.16
CA ARG B 64 -17.35 -22.55 1.88
C ARG B 64 -18.23 -22.02 3.00
N ASN B 65 -17.84 -22.30 4.24
CA ASN B 65 -18.57 -21.84 5.41
C ASN B 65 -18.67 -20.33 5.49
N ALA B 66 -17.53 -19.66 5.33
CA ALA B 66 -17.52 -18.19 5.26
C ALA B 66 -18.42 -17.68 4.14
N TYR B 67 -18.32 -18.35 2.98
CA TYR B 67 -19.12 -18.02 1.81
C TYR B 67 -20.62 -18.06 2.10
N THR B 68 -21.08 -19.15 2.70
CA THR B 68 -22.50 -19.31 3.01
C THR B 68 -22.94 -18.32 4.09
N MET B 69 -22.07 -18.06 5.05
CA MET B 69 -22.39 -17.09 6.10
C MET B 69 -22.61 -15.69 5.53
N VAL B 70 -21.76 -15.31 4.59
CA VAL B 70 -21.92 -14.03 3.90
C VAL B 70 -23.18 -14.07 3.02
N LEU B 71 -23.44 -15.23 2.43
CA LEU B 71 -24.58 -15.42 1.54
C LEU B 71 -25.91 -15.27 2.27
N HIS B 72 -25.88 -15.44 3.58
CA HIS B 72 -27.07 -15.32 4.42
C HIS B 72 -27.26 -13.93 5.01
N LYS B 73 -26.45 -12.98 4.54
CA LYS B 73 -26.48 -11.58 4.97
C LYS B 73 -26.05 -11.39 6.43
N HIS B 74 -25.23 -12.32 6.91
CA HIS B 74 -24.63 -12.23 8.23
C HIS B 74 -23.21 -11.67 8.24
N GLY B 75 -22.77 -11.20 7.08
CA GLY B 75 -21.41 -10.67 6.89
C GLY B 75 -20.91 -9.71 7.95
N GLU B 76 -21.81 -8.87 8.48
CA GLU B 76 -21.46 -7.98 9.58
C GLU B 76 -20.96 -8.74 10.80
N LYS B 77 -21.69 -9.78 11.18
CA LYS B 77 -21.31 -10.61 12.32
C LYS B 77 -19.95 -11.26 12.08
N LEU B 78 -19.72 -11.72 10.85
CA LEU B 78 -18.44 -12.34 10.48
C LEU B 78 -17.29 -11.35 10.63
N TYR B 79 -17.53 -10.12 10.15
CA TYR B 79 -16.55 -9.05 10.25
C TYR B 79 -16.21 -8.73 11.70
N THR B 80 -17.26 -8.51 12.50
CA THR B 80 -17.10 -8.20 13.93
C THR B 80 -16.35 -9.30 14.67
N GLY B 81 -16.76 -10.54 14.44
CA GLY B 81 -16.10 -11.68 15.05
C GLY B 81 -14.63 -11.75 14.67
N LEU B 82 -14.35 -11.53 13.39
CA LEU B 82 -12.97 -11.46 12.91
C LEU B 82 -12.17 -10.44 13.70
N ARG B 83 -12.70 -9.22 13.76
CA ARG B 83 -12.05 -8.12 14.47
C ARG B 83 -11.76 -8.49 15.93
N GLU B 84 -12.74 -9.10 16.60
CA GLU B 84 -12.58 -9.45 18.01
C GLU B 84 -11.59 -10.59 18.26
N VAL B 85 -11.60 -11.61 17.41
CA VAL B 85 -10.64 -12.71 17.51
C VAL B 85 -9.21 -12.20 17.30
N VAL B 86 -8.99 -11.50 16.18
CA VAL B 86 -7.68 -10.93 15.88
C VAL B 86 -7.19 -9.98 16.98
N THR B 87 -8.08 -9.07 17.39
CA THR B 87 -7.75 -8.10 18.44
C THR B 87 -7.36 -8.79 19.74
N GLU B 88 -8.13 -9.81 20.12
CA GLU B 88 -7.83 -10.56 21.33
C GLU B 88 -6.46 -11.25 21.23
N HIS B 89 -6.17 -11.81 20.05
CA HIS B 89 -4.88 -12.47 19.85
C HIS B 89 -3.69 -11.51 19.96
N LEU B 90 -3.82 -10.34 19.34
CA LEU B 90 -2.72 -9.37 19.33
C LEU B 90 -2.55 -8.64 20.67
N ILE B 91 -3.66 -8.44 21.38
CA ILE B 91 -3.62 -7.78 22.69
C ILE B 91 -3.15 -8.71 23.80
N ASN B 92 -3.73 -9.91 23.88
CA ASN B 92 -3.47 -10.81 25.00
C ASN B 92 -2.18 -11.64 24.93
N LYS B 93 -1.63 -11.83 23.73
CA LYS B 93 -0.42 -12.63 23.58
C LYS B 93 0.75 -11.86 22.96
N VAL B 94 0.59 -11.47 21.70
CA VAL B 94 1.66 -10.82 20.94
C VAL B 94 2.23 -9.57 21.63
N ARG B 95 1.35 -8.68 22.08
CA ARG B 95 1.76 -7.48 22.78
C ARG B 95 2.53 -7.83 24.05
N GLU B 96 2.05 -8.85 24.76
CA GLU B 96 2.75 -9.33 25.95
C GLU B 96 4.08 -9.99 25.58
N ASP B 97 4.10 -10.67 24.44
CA ASP B 97 5.32 -11.30 23.95
C ASP B 97 6.42 -10.28 23.68
N VAL B 98 6.05 -9.16 23.05
CA VAL B 98 7.02 -8.10 22.77
C VAL B 98 7.25 -7.18 23.97
N LEU B 99 6.39 -7.29 24.99
CA LEU B 99 6.58 -6.52 26.22
C LEU B 99 7.63 -7.16 27.13
N ASN B 100 7.65 -8.49 27.18
CA ASN B 100 8.64 -9.20 27.98
C ASN B 100 10.00 -9.26 27.30
N SER B 101 10.03 -8.89 26.02
CA SER B 101 11.25 -8.94 25.22
C SER B 101 11.98 -7.60 25.15
N LEU B 102 11.48 -6.59 25.87
CA LEU B 102 12.03 -5.24 25.80
C LEU B 102 13.54 -5.16 25.97
N ASN B 103 14.06 -5.88 26.96
CA ASN B 103 15.48 -5.78 27.32
C ASN B 103 16.43 -6.83 26.72
N ASN B 104 15.91 -7.78 25.96
CA ASN B 104 16.75 -8.61 25.09
C ASN B 104 16.08 -8.98 23.77
N ASN B 105 16.84 -8.84 22.68
CA ASN B 105 16.34 -9.13 21.33
C ASN B 105 14.98 -8.51 21.02
N PHE B 106 14.77 -7.28 21.47
CA PHE B 106 13.50 -6.58 21.29
C PHE B 106 13.10 -6.49 19.82
N LEU B 107 14.03 -6.01 19.00
CA LEU B 107 13.78 -5.88 17.56
C LEU B 107 13.47 -7.22 16.89
N GLN B 108 14.25 -8.24 17.20
CA GLN B 108 14.05 -9.57 16.63
C GLN B 108 12.67 -10.11 17.01
N THR B 109 12.27 -9.87 18.26
CA THR B 109 10.99 -10.35 18.75
C THR B 109 9.83 -9.63 18.05
N LEU B 110 9.91 -8.30 18.01
CA LEU B 110 8.87 -7.52 17.35
C LEU B 110 8.74 -7.90 15.89
N ASN B 111 9.86 -7.99 15.18
CA ASN B 111 9.87 -8.35 13.77
C ASN B 111 9.33 -9.77 13.53
N GLN B 112 9.66 -10.68 14.45
CA GLN B 112 9.12 -12.04 14.39
C GLN B 112 7.60 -12.00 14.51
N ALA B 113 7.12 -11.18 15.44
CA ALA B 113 5.69 -10.99 15.64
C ALA B 113 5.02 -10.44 14.38
N TRP B 114 5.68 -9.47 13.76
CA TRP B 114 5.20 -8.87 12.51
C TRP B 114 5.09 -9.93 11.40
N ASN B 115 6.13 -10.75 11.28
CA ASN B 115 6.13 -11.86 10.33
C ASN B 115 4.98 -12.83 10.55
N ASP B 116 4.88 -13.35 11.77
CA ASP B 116 3.82 -14.30 12.13
C ASP B 116 2.44 -13.70 11.84
N HIS B 117 2.25 -12.45 12.20
CA HIS B 117 1.00 -11.74 11.94
C HIS B 117 0.67 -11.71 10.47
N GLN B 118 1.65 -11.34 9.64
CA GLN B 118 1.46 -11.32 8.20
C GLN B 118 1.04 -12.69 7.67
N THR B 119 1.82 -13.71 8.02
CA THR B 119 1.55 -15.07 7.58
C THR B 119 0.14 -15.54 7.95
N ALA B 120 -0.27 -15.25 9.19
CA ALA B 120 -1.62 -15.59 9.64
C ALA B 120 -2.70 -14.86 8.85
N MET B 121 -2.54 -13.55 8.71
CA MET B 121 -3.51 -12.72 8.00
C MET B 121 -3.63 -13.07 6.51
N VAL B 122 -2.60 -13.68 5.94
CA VAL B 122 -2.68 -14.18 4.56
C VAL B 122 -3.77 -15.25 4.44
N MET B 123 -3.66 -16.29 5.26
CA MET B 123 -4.64 -17.37 5.30
C MET B 123 -6.02 -16.88 5.73
N ILE B 124 -6.07 -16.11 6.80
CA ILE B 124 -7.32 -15.52 7.28
C ILE B 124 -8.02 -14.76 6.15
N ARG B 125 -7.25 -14.02 5.37
CA ARG B 125 -7.79 -13.36 4.18
C ARG B 125 -8.31 -14.38 3.18
N ASP B 126 -7.52 -15.40 2.92
CA ASP B 126 -7.85 -16.40 1.90
C ASP B 126 -9.16 -17.15 2.15
N ILE B 127 -9.44 -17.51 3.40
CA ILE B 127 -10.68 -18.22 3.71
C ILE B 127 -11.88 -17.28 3.84
N LEU B 128 -11.60 -16.00 4.09
CA LEU B 128 -12.62 -14.96 4.14
C LEU B 128 -12.74 -14.23 2.80
N MET B 129 -12.03 -14.72 1.80
CA MET B 129 -11.91 -14.07 0.49
C MET B 129 -13.24 -13.61 -0.11
N TYR B 130 -14.29 -14.41 0.04
CA TYR B 130 -15.59 -14.05 -0.51
C TYR B 130 -16.16 -12.79 0.10
N MET B 131 -16.14 -12.71 1.44
CA MET B 131 -16.57 -11.50 2.13
C MET B 131 -15.67 -10.33 1.72
N ASP B 132 -14.37 -10.61 1.64
CA ASP B 132 -13.37 -9.60 1.33
C ASP B 132 -13.63 -8.91 -0.01
N ARG B 133 -13.91 -9.70 -1.05
CA ARG B 133 -14.16 -9.15 -2.38
C ARG B 133 -15.47 -8.38 -2.48
N VAL B 134 -16.52 -8.91 -1.86
CA VAL B 134 -17.86 -8.37 -2.05
C VAL B 134 -18.41 -7.53 -0.89
N TYR B 135 -18.59 -8.16 0.27
CA TYR B 135 -19.23 -7.48 1.41
C TYR B 135 -18.58 -6.17 1.83
N VAL B 136 -17.26 -6.19 2.03
CA VAL B 136 -16.55 -5.07 2.64
C VAL B 136 -16.65 -3.75 1.85
N GLN B 137 -16.94 -3.83 0.55
CA GLN B 137 -16.92 -2.65 -0.30
C GLN B 137 -18.11 -1.73 -0.05
N GLN B 138 -19.32 -2.29 -0.07
CA GLN B 138 -20.55 -1.50 0.01
C GLN B 138 -20.86 -1.01 1.43
N ASN B 139 -20.22 -1.63 2.41
CA ASN B 139 -20.37 -1.21 3.79
C ASN B 139 -19.27 -0.23 4.20
N ASN B 140 -18.36 0.02 3.26
CA ASN B 140 -17.21 0.88 3.49
C ASN B 140 -16.46 0.54 4.77
N VAL B 141 -15.90 -0.66 4.82
CA VAL B 141 -15.08 -1.09 5.94
C VAL B 141 -13.73 -1.58 5.41
N GLU B 142 -12.71 -1.57 6.26
CA GLU B 142 -11.40 -2.03 5.85
C GLU B 142 -11.41 -3.51 5.49
N ASN B 143 -10.80 -3.85 4.36
CA ASN B 143 -10.72 -5.24 3.93
C ASN B 143 -9.87 -6.04 4.90
N VAL B 144 -10.03 -7.37 4.89
CA VAL B 144 -9.49 -8.25 5.93
C VAL B 144 -8.02 -7.99 6.28
N TYR B 145 -7.15 -8.00 5.27
CA TYR B 145 -5.72 -7.84 5.51
C TYR B 145 -5.38 -6.49 6.11
N ASN B 146 -5.90 -5.42 5.51
CA ASN B 146 -5.63 -4.08 6.00
C ASN B 146 -6.18 -3.86 7.40
N LEU B 147 -7.30 -4.52 7.70
CA LEU B 147 -7.82 -4.51 9.06
C LEU B 147 -6.81 -5.15 9.99
N GLY B 148 -6.27 -6.28 9.58
CA GLY B 148 -5.22 -6.93 10.35
C GLY B 148 -4.05 -6.00 10.61
N LEU B 149 -3.65 -5.26 9.57
CA LEU B 149 -2.57 -4.29 9.68
C LEU B 149 -2.91 -3.20 10.69
N ILE B 150 -4.16 -2.76 10.67
CA ILE B 150 -4.62 -1.74 11.61
C ILE B 150 -4.58 -2.23 13.05
N ILE B 151 -5.06 -3.45 13.28
CA ILE B 151 -5.03 -4.05 14.60
C ILE B 151 -3.59 -4.20 15.11
N PHE B 152 -2.70 -4.69 14.26
CA PHE B 152 -1.30 -4.84 14.64
C PHE B 152 -0.66 -3.49 14.95
N ARG B 153 -0.99 -2.49 14.14
CA ARG B 153 -0.45 -1.15 14.31
C ARG B 153 -0.87 -0.58 15.66
N ASP B 154 -2.18 -0.48 15.87
CA ASP B 154 -2.72 0.15 17.07
C ASP B 154 -2.40 -0.63 18.35
N GLN B 155 -2.56 -1.94 18.32
CA GLN B 155 -2.43 -2.76 19.52
C GLN B 155 -1.02 -3.15 19.92
N VAL B 156 -0.08 -3.11 18.98
CA VAL B 156 1.30 -3.53 19.27
C VAL B 156 2.32 -2.41 19.08
N VAL B 157 2.59 -2.06 17.83
CA VAL B 157 3.60 -1.06 17.50
C VAL B 157 3.30 0.30 18.14
N ARG B 158 2.03 0.67 18.18
CA ARG B 158 1.62 1.96 18.71
C ARG B 158 1.20 1.94 20.18
N TYR B 159 1.36 0.81 20.85
CA TYR B 159 0.93 0.67 22.25
C TYR B 159 1.57 1.68 23.19
N GLY B 160 2.75 2.19 22.80
CA GLY B 160 3.38 3.30 23.50
C GLY B 160 4.55 2.98 24.41
N CYS B 161 4.63 1.75 24.93
CA CYS B 161 5.88 1.28 25.50
C CYS B 161 6.74 0.77 24.36
N ILE B 162 6.10 -0.01 23.50
CA ILE B 162 6.73 -0.58 22.32
C ILE B 162 7.11 0.54 21.37
N ARG B 163 6.23 1.52 21.26
CA ARG B 163 6.43 2.65 20.37
C ARG B 163 7.66 3.46 20.77
N ASP B 164 7.67 3.95 22.01
CA ASP B 164 8.78 4.74 22.52
C ASP B 164 10.09 3.95 22.47
N HIS B 165 10.05 2.70 22.89
CA HIS B 165 11.26 1.90 22.91
C HIS B 165 11.77 1.63 21.50
N LEU B 166 10.85 1.57 20.54
CA LEU B 166 11.20 1.35 19.14
C LEU B 166 11.90 2.58 18.57
N ARG B 167 11.27 3.74 18.75
CA ARG B 167 11.86 5.01 18.33
C ARG B 167 13.25 5.18 18.91
N GLN B 168 13.35 5.02 20.24
CA GLN B 168 14.62 5.15 20.93
C GLN B 168 15.66 4.14 20.44
N THR B 169 15.23 2.91 20.20
CA THR B 169 16.12 1.87 19.68
C THR B 169 16.73 2.28 18.33
N LEU B 170 15.87 2.59 17.36
CA LEU B 170 16.33 2.97 16.03
C LEU B 170 17.22 4.21 16.04
N LEU B 171 16.75 5.26 16.70
CA LEU B 171 17.53 6.51 16.78
C LEU B 171 18.88 6.30 17.45
N ASP B 172 18.91 5.52 18.53
CA ASP B 172 20.16 5.21 19.22
C ASP B 172 21.11 4.47 18.29
N MET B 173 20.61 3.44 17.61
CA MET B 173 21.42 2.67 16.67
C MET B 173 22.02 3.55 15.59
N ILE B 174 21.22 4.46 15.06
CA ILE B 174 21.69 5.38 14.02
C ILE B 174 22.77 6.33 14.55
N ALA B 175 22.57 6.87 15.75
CA ALA B 175 23.56 7.75 16.37
C ALA B 175 24.87 7.01 16.59
N ARG B 176 24.78 5.79 17.11
CA ARG B 176 25.95 4.93 17.32
C ARG B 176 26.70 4.69 16.01
N GLU B 177 25.96 4.37 14.96
CA GLU B 177 26.57 4.14 13.66
C GLU B 177 27.24 5.41 13.14
N ARG B 178 26.69 6.56 13.50
CA ARG B 178 27.31 7.83 13.16
C ARG B 178 28.59 8.08 13.96
N LYS B 179 28.66 7.47 15.15
CA LYS B 179 29.84 7.63 15.98
C LYS B 179 30.92 6.58 15.71
N GLY B 180 30.67 5.72 14.72
CA GLY B 180 31.69 4.78 14.26
C GLY B 180 31.47 3.34 14.67
N GLU B 181 30.56 3.10 15.60
CA GLU B 181 30.27 1.74 16.05
C GLU B 181 29.54 0.98 14.95
N VAL B 182 29.59 -0.35 15.01
CA VAL B 182 28.86 -1.17 14.05
C VAL B 182 27.46 -1.52 14.57
N VAL B 183 26.46 -1.40 13.71
CA VAL B 183 25.08 -1.69 14.08
C VAL B 183 24.49 -2.68 13.10
N ASP B 184 23.36 -3.28 13.46
CA ASP B 184 22.70 -4.23 12.56
C ASP B 184 21.70 -3.48 11.71
N ARG B 185 21.99 -3.38 10.42
CA ARG B 185 21.17 -2.59 9.50
C ARG B 185 19.96 -3.38 9.02
N GLY B 186 20.04 -4.71 9.11
CA GLY B 186 18.94 -5.57 8.73
C GLY B 186 17.73 -5.26 9.58
N ALA B 187 17.94 -5.19 10.88
CA ALA B 187 16.87 -4.90 11.83
C ALA B 187 16.20 -3.57 11.50
N ILE B 188 17.00 -2.51 11.40
CA ILE B 188 16.50 -1.18 11.08
C ILE B 188 15.67 -1.18 9.79
N ARG B 189 16.22 -1.81 8.76
CA ARG B 189 15.55 -1.92 7.47
C ARG B 189 14.18 -2.58 7.63
N ASN B 190 14.15 -3.70 8.35
CA ASN B 190 12.90 -4.41 8.61
C ASN B 190 11.88 -3.56 9.35
N ALA B 191 12.34 -2.80 10.34
CA ALA B 191 11.46 -1.94 11.14
C ALA B 191 10.84 -0.84 10.29
N CYS B 192 11.68 -0.12 9.55
CA CYS B 192 11.23 0.95 8.67
C CYS B 192 10.24 0.43 7.64
N GLN B 193 10.58 -0.71 7.03
CA GLN B 193 9.67 -1.39 6.11
C GLN B 193 8.32 -1.67 6.77
N MET B 194 8.36 -2.25 7.98
CA MET B 194 7.14 -2.55 8.74
C MET B 194 6.27 -1.32 8.91
N LEU B 195 6.89 -0.22 9.32
CA LEU B 195 6.16 1.04 9.45
C LEU B 195 5.53 1.46 8.12
N MET B 196 6.31 1.39 7.05
CA MET B 196 5.80 1.71 5.71
C MET B 196 4.57 0.89 5.35
N ILE B 197 4.60 -0.40 5.68
CA ILE B 197 3.47 -1.29 5.44
C ILE B 197 2.27 -0.88 6.28
N LEU B 198 2.50 -0.65 7.57
CA LEU B 198 1.44 -0.24 8.50
C LEU B 198 0.82 1.09 8.12
N GLY B 199 1.49 1.84 7.24
CA GLY B 199 0.93 3.07 6.72
C GLY B 199 -0.30 2.86 5.85
N LEU B 200 -0.53 1.61 5.45
CA LEU B 200 -1.63 1.27 4.54
C LEU B 200 -1.53 2.04 3.22
N GLU B 201 -0.53 1.68 2.41
CA GLU B 201 -0.28 2.34 1.13
C GLU B 201 0.06 3.81 1.32
N GLY B 202 0.77 4.10 2.41
CA GLY B 202 1.16 5.45 2.76
C GLY B 202 2.32 5.46 3.73
N ARG B 203 3.01 6.59 3.82
CA ARG B 203 4.19 6.70 4.67
C ARG B 203 3.86 7.28 6.05
N SER B 204 2.59 7.60 6.27
CA SER B 204 2.16 8.40 7.42
C SER B 204 2.69 7.93 8.78
N VAL B 205 2.47 6.67 9.12
CA VAL B 205 2.95 6.14 10.40
C VAL B 205 4.48 6.06 10.42
N TYR B 206 5.07 5.68 9.29
CA TYR B 206 6.53 5.67 9.16
C TYR B 206 7.07 7.09 9.30
N GLU B 207 6.35 8.05 8.73
CA GLU B 207 6.74 9.45 8.79
C GLU B 207 6.75 9.98 10.22
N GLU B 208 5.61 9.84 10.91
CA GLU B 208 5.47 10.45 12.23
C GLU B 208 6.12 9.67 13.38
N ASP B 209 6.14 8.35 13.29
CA ASP B 209 6.76 7.54 14.34
C ASP B 209 8.28 7.45 14.26
N PHE B 210 8.83 7.62 13.06
CA PHE B 210 10.28 7.45 12.86
C PHE B 210 10.98 8.63 12.18
N GLU B 211 10.59 8.92 10.94
CA GLU B 211 11.29 9.91 10.13
C GLU B 211 11.46 11.28 10.79
N ALA B 212 10.41 11.80 11.41
CA ALA B 212 10.48 13.14 12.01
C ALA B 212 11.50 13.29 13.15
N PRO B 213 11.41 12.46 14.20
CA PRO B 213 12.42 12.60 15.26
C PRO B 213 13.82 12.26 14.75
N PHE B 214 13.88 11.38 13.75
CA PHE B 214 15.15 11.06 13.11
C PHE B 214 15.76 12.31 12.47
N LEU B 215 14.92 13.09 11.80
CA LEU B 215 15.35 14.32 11.13
C LEU B 215 15.77 15.38 12.15
N GLU B 216 15.02 15.47 13.25
CA GLU B 216 15.34 16.41 14.32
C GLU B 216 16.71 16.11 14.92
N MET B 217 16.87 14.86 15.37
CA MET B 217 18.13 14.38 15.92
C MET B 217 19.29 14.61 14.95
N SER B 218 19.10 14.18 13.72
CA SER B 218 20.11 14.34 12.68
C SER B 218 20.52 15.80 12.52
N ALA B 219 19.53 16.70 12.49
CA ALA B 219 19.78 18.13 12.39
C ALA B 219 20.67 18.61 13.53
N GLU B 220 20.29 18.26 14.76
CA GLU B 220 21.06 18.64 15.94
C GLU B 220 22.51 18.19 15.80
N PHE B 221 22.72 16.90 15.56
CA PHE B 221 24.05 16.33 15.37
C PHE B 221 24.85 17.04 14.29
N PHE B 222 24.18 17.37 13.18
CA PHE B 222 24.82 18.03 12.06
C PHE B 222 25.33 19.41 12.44
N GLN B 223 24.50 20.19 13.12
CA GLN B 223 24.92 21.49 13.64
C GLN B 223 26.14 21.33 14.55
N MET B 224 26.05 20.35 15.44
CA MET B 224 27.15 20.03 16.36
C MET B 224 28.47 19.79 15.63
N GLU B 225 28.43 19.02 14.55
CA GLU B 225 29.63 18.75 13.77
C GLU B 225 30.10 19.98 12.98
N SER B 226 29.12 20.75 12.50
CA SER B 226 29.39 21.93 11.69
C SER B 226 30.21 22.93 12.47
N GLN B 227 29.84 23.17 13.72
CA GLN B 227 30.59 24.09 14.56
C GLN B 227 32.06 23.66 14.70
N LYS B 228 32.27 22.38 14.96
CA LYS B 228 33.60 21.80 15.09
C LYS B 228 34.44 22.04 13.84
N PHE B 229 33.91 21.60 12.70
CA PHE B 229 34.61 21.73 11.44
C PHE B 229 34.92 23.18 11.08
N LEU B 230 33.93 24.05 11.20
CA LEU B 230 34.12 25.48 10.93
C LEU B 230 35.18 26.08 11.85
N ALA B 231 35.21 25.62 13.09
CA ALA B 231 36.17 26.13 14.07
C ALA B 231 37.61 25.72 13.74
N GLU B 232 37.83 24.43 13.52
CA GLU B 232 39.21 23.95 13.37
C GLU B 232 39.76 23.77 11.95
N ASN B 233 38.95 24.05 10.93
CA ASN B 233 39.36 23.80 9.55
C ASN B 233 39.42 25.04 8.65
N SER B 234 39.79 24.81 7.39
CA SER B 234 39.68 25.83 6.35
C SER B 234 38.34 25.66 5.64
N ALA B 235 38.09 26.49 4.63
CA ALA B 235 36.81 26.43 3.91
C ALA B 235 36.74 25.23 2.97
N SER B 236 37.83 24.96 2.27
CA SER B 236 37.88 23.89 1.28
C SER B 236 37.61 22.50 1.85
N VAL B 237 38.39 22.13 2.88
CA VAL B 237 38.20 20.85 3.55
C VAL B 237 36.81 20.76 4.20
N TYR B 238 36.31 21.90 4.67
CA TYR B 238 34.96 21.95 5.23
C TYR B 238 33.93 21.54 4.17
N ILE B 239 34.02 22.19 3.02
CA ILE B 239 33.12 21.91 1.89
C ILE B 239 33.19 20.44 1.46
N LYS B 240 34.42 19.93 1.30
CA LYS B 240 34.62 18.52 0.99
C LYS B 240 33.92 17.62 2.01
N LYS B 241 34.03 18.00 3.30
CA LYS B 241 33.40 17.27 4.38
C LYS B 241 31.87 17.34 4.36
N VAL B 242 31.33 18.44 3.85
CA VAL B 242 29.89 18.58 3.69
C VAL B 242 29.40 17.64 2.59
N GLU B 243 30.12 17.61 1.47
CA GLU B 243 29.80 16.68 0.38
C GLU B 243 29.84 15.22 0.87
N ALA B 244 30.94 14.86 1.53
CA ALA B 244 31.09 13.52 2.09
C ALA B 244 29.97 13.19 3.07
N ARG B 245 29.58 14.19 3.86
CA ARG B 245 28.48 14.05 4.81
C ARG B 245 27.19 13.68 4.09
N ILE B 246 26.86 14.46 3.06
CA ILE B 246 25.71 14.18 2.21
C ILE B 246 25.72 12.75 1.70
N ASN B 247 26.86 12.32 1.13
CA ASN B 247 26.97 10.97 0.61
C ASN B 247 26.78 9.86 1.66
N GLU B 248 27.37 10.04 2.84
CA GLU B 248 27.17 9.06 3.92
C GLU B 248 25.70 8.98 4.31
N GLU B 249 25.05 10.13 4.41
CA GLU B 249 23.63 10.16 4.79
C GLU B 249 22.72 9.50 3.74
N ILE B 250 23.05 9.70 2.46
CA ILE B 250 22.32 9.04 1.37
C ILE B 250 22.49 7.52 1.44
N GLU B 251 23.73 7.09 1.62
CA GLU B 251 24.01 5.67 1.77
C GLU B 251 23.24 5.07 2.95
N ARG B 252 23.14 5.84 4.04
CA ARG B 252 22.35 5.41 5.19
C ARG B 252 20.88 5.28 4.82
N VAL B 253 20.39 6.21 4.01
CA VAL B 253 19.00 6.15 3.54
C VAL B 253 18.70 4.89 2.74
N MET B 254 19.56 4.57 1.78
CA MET B 254 19.30 3.39 0.95
C MET B 254 19.62 2.06 1.64
N HIS B 255 20.54 2.09 2.61
CA HIS B 255 20.91 0.87 3.33
C HIS B 255 19.93 0.46 4.41
N CYS B 256 19.34 1.45 5.09
CA CYS B 256 18.48 1.18 6.23
C CYS B 256 17.06 1.70 6.05
N LEU B 257 16.93 3.02 5.94
CA LEU B 257 15.63 3.66 5.91
C LEU B 257 14.89 3.43 4.60
N ASP B 258 13.69 4.01 4.50
CA ASP B 258 12.92 3.99 3.26
C ASP B 258 13.51 5.01 2.29
N LYS B 259 13.37 4.73 0.99
CA LYS B 259 13.91 5.60 -0.05
C LYS B 259 13.38 7.04 0.07
N SER B 260 12.12 7.16 0.47
CA SER B 260 11.45 8.45 0.52
C SER B 260 12.12 9.43 1.49
N THR B 261 12.95 8.91 2.39
CA THR B 261 13.62 9.73 3.39
C THR B 261 14.92 10.33 2.85
N GLU B 262 15.26 10.02 1.60
CA GLU B 262 16.48 10.57 1.02
C GLU B 262 16.41 12.08 0.87
N GLU B 263 15.36 12.56 0.22
CA GLU B 263 15.17 14.00 0.01
C GLU B 263 15.09 14.84 1.29
N PRO B 264 14.31 14.39 2.30
CA PRO B 264 14.26 15.18 3.54
C PRO B 264 15.60 15.31 4.27
N ILE B 265 16.37 14.22 4.37
CA ILE B 265 17.61 14.25 5.15
C ILE B 265 18.70 15.12 4.51
N VAL B 266 18.84 15.04 3.19
CA VAL B 266 19.79 15.87 2.47
C VAL B 266 19.40 17.34 2.61
N LYS B 267 18.11 17.60 2.64
CA LYS B 267 17.58 18.94 2.88
C LYS B 267 18.03 19.45 4.25
N VAL B 268 18.13 18.54 5.20
CA VAL B 268 18.59 18.88 6.55
C VAL B 268 20.11 19.10 6.58
N VAL B 269 20.85 18.20 5.95
CA VAL B 269 22.30 18.32 5.83
C VAL B 269 22.67 19.65 5.20
N GLU B 270 22.04 19.95 4.07
CA GLU B 270 22.28 21.20 3.35
C GLU B 270 21.90 22.42 4.18
N ARG B 271 20.81 22.32 4.92
CA ARG B 271 20.35 23.44 5.76
C ARG B 271 21.32 23.73 6.90
N GLU B 272 21.68 22.69 7.66
CA GLU B 272 22.52 22.85 8.84
C GLU B 272 23.98 23.19 8.51
N LEU B 273 24.57 22.43 7.59
CA LEU B 273 25.99 22.60 7.29
C LEU B 273 26.27 23.79 6.36
N ILE B 274 25.44 23.94 5.33
CA ILE B 274 25.67 24.98 4.32
C ILE B 274 24.90 26.26 4.60
N SER B 275 23.58 26.16 4.56
CA SER B 275 22.69 27.33 4.51
C SER B 275 22.77 28.27 5.72
N LYS B 276 22.83 27.71 6.93
CA LYS B 276 22.91 28.53 8.13
C LYS B 276 24.26 29.27 8.19
N HIS B 277 25.31 28.62 7.69
CA HIS B 277 26.67 29.12 7.79
C HIS B 277 27.27 29.85 6.58
N MET B 278 26.47 30.09 5.54
CA MET B 278 26.98 30.54 4.23
C MET B 278 28.00 31.68 4.26
N ARG B 279 27.65 32.78 4.93
CA ARG B 279 28.56 33.92 5.05
C ARG B 279 29.81 33.57 5.84
N THR B 280 29.64 32.76 6.88
CA THR B 280 30.78 32.29 7.67
C THR B 280 31.75 31.53 6.78
N ILE B 281 31.21 30.66 5.94
CA ILE B 281 32.01 29.86 5.01
C ILE B 281 32.76 30.73 4.00
N VAL B 282 32.05 31.59 3.29
CA VAL B 282 32.67 32.40 2.24
C VAL B 282 33.67 33.43 2.77
N GLU B 283 33.44 33.94 3.98
CA GLU B 283 34.24 35.04 4.52
C GLU B 283 35.42 34.63 5.40
N MET B 284 35.67 33.33 5.51
CA MET B 284 36.77 32.83 6.34
C MET B 284 38.10 33.48 5.99
N GLU B 285 38.80 33.99 7.01
CA GLU B 285 40.09 34.62 6.81
C GLU B 285 41.13 33.63 6.28
N ASN B 286 41.81 34.03 5.20
CA ASN B 286 42.88 33.23 4.60
C ASN B 286 42.41 31.84 4.15
N SER B 287 41.10 31.72 3.96
CA SER B 287 40.48 30.45 3.60
C SER B 287 39.53 30.59 2.43
N GLY B 288 38.49 31.40 2.63
CA GLY B 288 37.34 31.45 1.74
C GLY B 288 37.51 32.20 0.44
N LEU B 289 36.39 32.69 -0.09
CA LEU B 289 36.29 33.18 -1.46
C LEU B 289 37.37 34.16 -1.92
N VAL B 290 37.56 35.24 -1.16
CA VAL B 290 38.55 36.26 -1.54
C VAL B 290 39.96 35.68 -1.58
N HIS B 291 40.25 34.75 -0.69
CA HIS B 291 41.55 34.10 -0.65
C HIS B 291 41.75 33.15 -1.82
N MET B 292 40.66 32.55 -2.28
CA MET B 292 40.71 31.67 -3.45
C MET B 292 40.85 32.47 -4.74
N LEU B 293 40.25 33.65 -4.76
CA LEU B 293 40.39 34.56 -5.90
C LEU B 293 41.81 35.10 -6.00
N LYS B 294 42.32 35.60 -4.87
CA LYS B 294 43.68 36.16 -4.81
C LYS B 294 44.72 35.17 -5.33
N ASN B 295 44.71 33.96 -4.77
CA ASN B 295 45.70 32.95 -5.11
C ASN B 295 45.29 32.10 -6.30
N GLY B 296 44.11 32.39 -6.85
CA GLY B 296 43.65 31.70 -8.04
C GLY B 296 43.50 30.21 -7.87
N LYS B 297 42.71 29.79 -6.89
CA LYS B 297 42.43 28.37 -6.73
C LYS B 297 41.17 28.08 -7.52
N THR B 298 41.33 27.37 -8.63
CA THR B 298 40.20 27.08 -9.53
C THR B 298 39.38 25.89 -9.04
N GLU B 299 40.07 24.86 -8.58
CA GLU B 299 39.42 23.64 -8.10
C GLU B 299 38.54 23.95 -6.89
N ASP B 300 39.09 24.70 -5.94
CA ASP B 300 38.38 25.08 -4.72
C ASP B 300 37.15 25.93 -5.03
N LEU B 301 37.28 26.83 -6.00
CA LEU B 301 36.15 27.64 -6.43
C LEU B 301 35.08 26.79 -7.11
N GLY B 302 35.52 25.77 -7.83
CA GLY B 302 34.60 24.82 -8.45
C GLY B 302 33.81 24.08 -7.40
N CYS B 303 34.50 23.60 -6.37
CA CYS B 303 33.87 22.88 -5.27
C CYS B 303 32.89 23.78 -4.51
N MET B 304 33.31 25.01 -4.23
CA MET B 304 32.47 25.96 -3.52
C MET B 304 31.21 26.30 -4.31
N TYR B 305 31.38 26.54 -5.61
CA TYR B 305 30.25 26.81 -6.50
C TYR B 305 29.28 25.63 -6.55
N LYS B 306 29.81 24.43 -6.79
CA LYS B 306 28.99 23.22 -6.84
C LYS B 306 28.24 22.99 -5.54
N LEU B 307 28.88 23.23 -4.41
CA LEU B 307 28.23 23.06 -3.12
C LEU B 307 27.13 24.09 -2.89
N PHE B 308 27.45 25.35 -3.12
CA PHE B 308 26.52 26.44 -2.83
C PHE B 308 25.39 26.55 -3.85
N SER B 309 25.52 25.83 -4.96
CA SER B 309 24.44 25.80 -5.96
C SER B 309 23.28 24.94 -5.47
N ARG B 310 23.49 24.24 -4.36
CA ARG B 310 22.48 23.35 -3.79
C ARG B 310 21.40 24.10 -3.01
N VAL B 311 21.79 25.19 -2.35
CA VAL B 311 20.85 25.91 -1.50
C VAL B 311 20.56 27.31 -2.05
N PRO B 312 19.37 27.85 -1.75
CA PRO B 312 19.02 29.21 -2.18
C PRO B 312 19.91 30.26 -1.51
N ASN B 313 20.22 31.32 -2.24
CA ASN B 313 21.10 32.41 -1.76
C ASN B 313 22.59 32.08 -1.66
N GLY B 314 22.98 30.85 -1.95
CA GLY B 314 24.38 30.46 -1.92
C GLY B 314 25.20 31.15 -3.00
N LEU B 315 24.75 30.98 -4.25
CA LEU B 315 25.41 31.60 -5.39
C LEU B 315 25.33 33.12 -5.30
N LYS B 316 24.24 33.63 -4.71
CA LYS B 316 24.07 35.05 -4.50
C LYS B 316 25.05 35.56 -3.44
N THR B 317 25.33 34.70 -2.45
CA THR B 317 26.30 35.02 -1.40
C THR B 317 27.70 35.14 -2.01
N MET B 318 28.10 34.12 -2.76
CA MET B 318 29.37 34.12 -3.47
C MET B 318 29.48 35.36 -4.35
N CYS B 319 28.43 35.63 -5.12
CA CYS B 319 28.38 36.78 -6.01
C CYS B 319 28.53 38.10 -5.27
N GLU B 320 27.93 38.22 -4.09
CA GLU B 320 28.00 39.46 -3.32
C GLU B 320 29.39 39.70 -2.73
N CYS B 321 29.96 38.67 -2.10
CA CYS B 321 31.30 38.78 -1.55
C CYS B 321 32.30 39.13 -2.66
N MET B 322 32.25 38.36 -3.74
CA MET B 322 33.09 38.63 -4.91
C MET B 322 32.92 40.04 -5.42
N SER B 323 31.68 40.47 -5.59
CA SER B 323 31.36 41.82 -6.06
C SER B 323 32.07 42.87 -5.19
N SER B 324 31.91 42.75 -3.87
CA SER B 324 32.57 43.64 -2.94
C SER B 324 34.09 43.68 -3.17
N TYR B 325 34.70 42.50 -3.22
CA TYR B 325 36.15 42.38 -3.45
C TYR B 325 36.61 43.06 -4.74
N LEU B 326 36.03 42.64 -5.86
CA LEU B 326 36.36 43.15 -7.18
C LEU B 326 36.16 44.66 -7.27
N ARG B 327 35.14 45.16 -6.59
CA ARG B 327 34.86 46.58 -6.58
C ARG B 327 35.89 47.40 -5.80
N GLU B 328 36.18 46.97 -4.57
CA GLU B 328 37.17 47.69 -3.77
C GLU B 328 38.54 47.66 -4.47
N GLN B 329 38.88 46.52 -5.06
CA GLN B 329 40.16 46.38 -5.76
C GLN B 329 40.23 47.23 -7.02
N GLY B 330 39.21 47.15 -7.86
CA GLY B 330 39.17 47.91 -9.09
C GLY B 330 39.15 49.41 -8.87
N LYS B 331 38.35 49.85 -7.89
CA LYS B 331 38.28 51.26 -7.54
C LYS B 331 39.61 51.72 -6.94
N ALA B 332 40.27 50.85 -6.18
CA ALA B 332 41.59 51.17 -5.67
C ALA B 332 42.59 51.29 -6.82
N LEU B 333 42.30 50.59 -7.92
CA LEU B 333 43.16 50.62 -9.09
C LEU B 333 42.93 51.87 -9.95
N VAL B 334 41.71 52.38 -9.98
CA VAL B 334 41.36 53.51 -10.84
C VAL B 334 42.12 54.79 -10.46
N SER B 335 42.53 54.90 -9.21
CA SER B 335 43.33 56.04 -8.77
C SER B 335 44.79 55.64 -8.71
N GLU B 336 45.59 56.18 -9.63
CA GLU B 336 47.00 55.83 -9.77
C GLU B 336 47.20 54.33 -9.95
N ASP B 345 49.93 50.58 -20.04
CA ASP B 345 50.03 50.37 -18.60
C ASP B 345 48.66 50.06 -18.01
N TYR B 346 47.85 51.11 -17.89
CA TYR B 346 46.52 51.07 -17.31
C TYR B 346 45.65 49.97 -17.93
N ARG B 347 45.54 50.03 -19.25
CA ARG B 347 44.68 49.11 -19.99
C ARG B 347 45.21 47.67 -19.98
N GLN B 348 46.50 47.51 -19.73
CA GLN B 348 47.06 46.16 -19.63
C GLN B 348 46.72 45.54 -18.28
N GLY B 349 46.75 46.36 -17.24
CA GLY B 349 46.30 45.93 -15.93
C GLY B 349 44.84 45.55 -15.97
N LEU B 350 44.03 46.42 -16.56
CA LEU B 350 42.60 46.14 -16.68
C LEU B 350 42.28 44.91 -17.54
N ASP B 351 43.00 44.76 -18.66
CA ASP B 351 42.79 43.62 -19.54
C ASP B 351 43.24 42.31 -18.88
N ASP B 352 44.27 42.40 -18.05
CA ASP B 352 44.73 41.23 -17.30
C ASP B 352 43.74 40.84 -16.21
N LEU B 353 43.14 41.84 -15.56
CA LEU B 353 42.10 41.59 -14.56
C LEU B 353 40.89 40.93 -15.23
N LYS B 354 40.48 41.49 -16.35
CA LYS B 354 39.38 40.94 -17.16
C LYS B 354 39.67 39.50 -17.55
N SER B 355 40.89 39.25 -17.99
CA SER B 355 41.34 37.90 -18.35
C SER B 355 41.17 36.95 -17.17
N ARG B 356 41.71 37.37 -16.04
CA ARG B 356 41.66 36.60 -14.79
C ARG B 356 40.23 36.21 -14.41
N PHE B 357 39.35 37.21 -14.36
CA PHE B 357 37.97 36.96 -13.98
C PHE B 357 37.17 36.19 -15.03
N ASP B 358 37.58 36.27 -16.29
CA ASP B 358 36.96 35.47 -17.33
C ASP B 358 37.40 34.00 -17.20
N ARG B 359 38.64 33.80 -16.77
CA ARG B 359 39.14 32.47 -16.48
C ARG B 359 38.36 31.85 -15.32
N PHE B 360 38.19 32.63 -14.25
CA PHE B 360 37.34 32.22 -13.15
C PHE B 360 35.94 31.84 -13.63
N LEU B 361 35.26 32.81 -14.23
CA LEU B 361 33.90 32.63 -14.74
C LEU B 361 33.75 31.38 -15.61
N LEU B 362 34.71 31.14 -16.50
CA LEU B 362 34.65 29.99 -17.39
C LEU B 362 34.91 28.66 -16.69
N GLU B 363 36.05 28.55 -16.00
CA GLU B 363 36.46 27.28 -15.40
C GLU B 363 35.71 26.96 -14.10
N SER B 364 35.64 27.93 -13.20
CA SER B 364 35.06 27.74 -11.88
C SER B 364 33.54 27.86 -11.88
N PHE B 365 33.06 29.04 -12.27
CA PHE B 365 31.67 29.43 -12.08
C PHE B 365 30.71 28.90 -13.12
N ASN B 366 31.21 28.05 -14.03
CA ASN B 366 30.35 27.35 -15.00
C ASN B 366 29.69 28.32 -15.97
N ASN B 367 30.37 29.45 -16.23
CA ASN B 367 29.86 30.50 -17.10
C ASN B 367 28.44 30.92 -16.69
N ASP B 368 28.21 31.00 -15.38
CA ASP B 368 26.89 31.33 -14.86
C ASP B 368 26.49 32.76 -15.21
N ARG B 369 25.22 32.94 -15.55
CA ARG B 369 24.70 34.23 -15.93
C ARG B 369 24.82 35.26 -14.81
N LEU B 370 24.47 34.84 -13.60
CA LEU B 370 24.51 35.71 -12.42
C LEU B 370 25.91 36.25 -12.16
N PHE B 371 26.90 35.37 -12.23
CA PHE B 371 28.29 35.75 -12.05
C PHE B 371 28.76 36.73 -13.14
N LYS B 372 28.39 36.45 -14.39
CA LYS B 372 28.73 37.35 -15.50
C LYS B 372 28.17 38.73 -15.26
N GLN B 373 26.87 38.78 -14.96
CA GLN B 373 26.18 40.04 -14.71
C GLN B 373 26.80 40.82 -13.55
N THR B 374 27.19 40.12 -12.48
CA THR B 374 27.79 40.80 -11.34
C THR B 374 29.20 41.31 -11.66
N ILE B 375 29.96 40.56 -12.47
CA ILE B 375 31.26 41.03 -12.93
C ILE B 375 31.14 42.31 -13.76
N ALA B 376 30.34 42.23 -14.82
CA ALA B 376 30.11 43.38 -15.69
C ALA B 376 29.54 44.57 -14.90
N GLY B 377 28.77 44.26 -13.87
CA GLY B 377 28.23 45.28 -12.99
C GLY B 377 29.34 45.98 -12.22
N ASP B 378 30.27 45.19 -11.67
CA ASP B 378 31.42 45.74 -10.98
C ASP B 378 32.21 46.67 -11.90
N PHE B 379 32.59 46.15 -13.07
CA PHE B 379 33.34 46.92 -14.05
C PHE B 379 32.66 48.22 -14.44
N GLU B 380 31.40 48.11 -14.89
CA GLU B 380 30.62 49.27 -15.27
C GLU B 380 30.48 50.25 -14.11
N TYR B 381 30.58 49.76 -12.88
CA TYR B 381 30.59 50.64 -11.73
C TYR B 381 31.89 51.43 -11.60
N PHE B 382 33.03 50.75 -11.56
CA PHE B 382 34.30 51.44 -11.25
C PHE B 382 35.06 51.98 -12.47
N LEU B 383 34.54 51.77 -13.66
CA LEU B 383 35.12 52.37 -14.86
C LEU B 383 34.60 53.79 -15.00
N ASN B 384 33.72 54.19 -14.09
CA ASN B 384 33.12 55.52 -14.10
C ASN B 384 33.54 56.34 -12.89
#